data_5HUI
#
_entry.id   5HUI
#
_cell.length_a   86.518
_cell.length_b   86.518
_cell.length_c   76.560
_cell.angle_alpha   90.00
_cell.angle_beta   90.00
_cell.angle_gamma   120.00
#
_symmetry.space_group_name_H-M   'H 3'
#
loop_
_entity.id
_entity.type
_entity.pdbx_description
1 polymer 'Dihydrofolate reductase'
2 non-polymer 'NADPH DIHYDRO-NICOTINAMIDE-ADENINE-DINUCLEOTIDE PHOSPHATE'
3 non-polymer N~6~-methyl-N~6~-[4-(trifluoromethoxy)phenyl]pyrido[3,2-d]pyrimidine-2,4,6-triamine
4 non-polymer 'SULFATE ION'
5 water water
#
_entity_poly.entity_id   1
_entity_poly.type   'polypeptide(L)'
_entity_poly.pdbx_seq_one_letter_code
;VGSLNCIVAVSQNMGIGKNGDLPWPPLRNEFRYFQRMTTTSSVEGKQNLVIMGKKTWFSIPEKNRPLKGRINLVLSRELK
EPPQGAHFLSRSLDDALKLTEQPELANKVDMVWIVGGSSVYKEAMNHPGHLKLFVTRIMQDFESDTFFPEIDLEKYKLLP
EYPGVLSDVQEEKGIKYKFEVYEKND
;
_entity_poly.pdbx_strand_id   A
#
# COMPACT_ATOMS: atom_id res chain seq x y z
N VAL A 1 6.04 -3.79 -16.43
CA VAL A 1 5.82 -3.17 -15.09
C VAL A 1 6.25 -1.64 -15.20
N GLY A 2 5.35 -0.78 -14.69
CA GLY A 2 5.62 0.64 -14.43
C GLY A 2 5.63 0.62 -12.91
N SER A 3 6.52 1.40 -12.22
CA SER A 3 7.11 0.89 -10.86
C SER A 3 6.52 0.44 -9.63
N LEU A 4 7.38 0.42 -8.62
CA LEU A 4 7.16 -0.23 -7.33
C LEU A 4 6.93 0.86 -6.26
N ASN A 5 5.86 0.71 -5.48
CA ASN A 5 5.38 1.78 -4.54
C ASN A 5 4.80 1.12 -3.31
N CYS A 6 4.97 1.74 -2.15
CA CYS A 6 4.25 1.34 -0.93
C CYS A 6 3.35 2.48 -0.58
N ILE A 7 2.17 2.18 0.00
CA ILE A 7 1.27 3.23 0.51
C ILE A 7 0.76 2.76 1.87
N VAL A 8 0.80 3.68 2.84
CA VAL A 8 0.38 3.36 4.20
C VAL A 8 -0.15 4.66 4.84
N ALA A 9 -0.99 4.49 5.83
CA ALA A 9 -1.33 5.55 6.80
C ALA A 9 -0.85 5.09 8.18
N VAL A 10 -0.14 6.00 8.89
CA VAL A 10 0.59 5.58 10.10
C VAL A 10 0.38 6.65 11.17
N SER A 11 0.18 6.21 12.41
CA SER A 11 0.11 7.15 13.55
C SER A 11 1.53 7.55 13.89
N GLN A 12 1.55 8.49 14.88
CA GLN A 12 2.77 9.08 15.33
C GLN A 12 3.67 8.03 16.01
N ASN A 13 3.03 7.05 16.67
CA ASN A 13 3.79 5.89 17.22
C ASN A 13 3.96 4.69 16.29
N MET A 14 3.77 4.94 14.96
CA MET A 14 4.10 4.01 13.89
C MET A 14 3.06 2.91 13.79
N GLY A 15 1.89 3.20 14.33
CA GLY A 15 0.83 2.24 14.28
C GLY A 15 0.11 2.23 12.94
N ILE A 16 -0.25 1.05 12.48
CA ILE A 16 -1.11 0.90 11.24
C ILE A 16 -2.37 0.11 11.47
N GLY A 17 -2.40 -0.72 12.54
CA GLY A 17 -3.53 -1.64 12.75
C GLY A 17 -3.76 -1.91 14.21
N LYS A 18 -4.97 -2.29 14.48
CA LYS A 18 -5.40 -2.71 15.85
C LYS A 18 -6.61 -3.60 15.70
N ASN A 19 -6.46 -4.83 16.20
CA ASN A 19 -7.53 -5.83 16.22
C ASN A 19 -8.21 -6.00 14.86
N GLY A 20 -7.40 -5.96 13.79
CA GLY A 20 -7.97 -6.32 12.47
C GLY A 20 -8.54 -5.12 11.74
N ASP A 21 -8.35 -3.93 12.28
CA ASP A 21 -8.83 -2.67 11.65
C ASP A 21 -7.76 -1.60 11.83
N LEU A 22 -8.08 -0.41 11.36
CA LEU A 22 -7.18 0.71 11.54
C LEU A 22 -7.28 1.14 13.00
N PRO A 23 -6.26 1.82 13.50
CA PRO A 23 -6.29 2.27 14.91
C PRO A 23 -7.17 3.44 15.21
N TRP A 24 -7.55 4.24 14.22
CA TRP A 24 -8.29 5.49 14.35
C TRP A 24 -9.62 5.36 13.68
N PRO A 25 -10.59 6.25 14.01
CA PRO A 25 -11.92 6.24 13.35
C PRO A 25 -11.77 6.54 11.86
N PRO A 26 -12.71 6.14 11.00
CA PRO A 26 -12.62 6.28 9.51
C PRO A 26 -12.41 7.74 9.14
N LEU A 27 -11.45 7.98 8.22
CA LEU A 27 -11.11 9.31 7.70
C LEU A 27 -11.48 9.21 6.23
N ARG A 28 -12.66 9.70 5.83
CA ARG A 28 -13.20 9.43 4.48
C ARG A 28 -12.23 9.92 3.35
N ASN A 29 -11.65 11.08 3.55
CA ASN A 29 -10.83 11.64 2.49
C ASN A 29 -9.50 10.92 2.50
N GLU A 30 -9.11 10.28 3.61
CA GLU A 30 -7.89 9.44 3.56
C GLU A 30 -8.17 8.21 2.71
N PHE A 31 -9.28 7.48 2.95
CA PHE A 31 -9.69 6.42 2.07
C PHE A 31 -9.83 6.83 0.59
N ARG A 32 -10.40 7.99 0.30
CA ARG A 32 -10.55 8.48 -1.08
C ARG A 32 -9.14 8.65 -1.73
N TYR A 33 -8.17 9.10 -0.93
CA TYR A 33 -6.81 9.28 -1.43
C TYR A 33 -6.21 7.92 -1.72
N PHE A 34 -6.27 6.95 -0.80
CA PHE A 34 -5.79 5.65 -1.01
C PHE A 34 -6.37 5.07 -2.32
N GLN A 35 -7.73 5.20 -2.50
CA GLN A 35 -8.34 4.57 -3.68
C GLN A 35 -7.84 5.29 -5.03
N ARG A 36 -7.73 6.58 -4.95
CA ARG A 36 -7.27 7.29 -6.12
C ARG A 36 -5.86 6.96 -6.47
N MET A 37 -4.99 6.95 -5.46
CA MET A 37 -3.55 6.70 -5.78
C MET A 37 -3.31 5.34 -6.27
N THR A 38 -3.91 4.34 -5.61
CA THR A 38 -3.74 2.99 -6.04
C THR A 38 -4.42 2.63 -7.41
N THR A 39 -5.48 3.34 -7.73
CA THR A 39 -6.24 2.91 -8.93
C THR A 39 -5.64 3.62 -10.15
N THR A 40 -5.20 4.88 -9.98
CA THR A 40 -4.92 5.70 -11.18
C THR A 40 -3.68 5.19 -11.90
N SER A 41 -3.82 4.91 -13.20
CA SER A 41 -2.74 4.36 -14.04
C SER A 41 -2.59 5.24 -15.23
N SER A 42 -1.36 5.74 -15.51
CA SER A 42 -1.23 6.65 -16.69
C SER A 42 -1.04 5.92 -18.01
N VAL A 43 -0.80 4.63 -17.96
CA VAL A 43 -0.42 3.97 -19.20
C VAL A 43 -1.73 3.41 -19.80
N GLU A 44 -1.98 3.78 -21.06
CA GLU A 44 -3.29 3.51 -21.67
C GLU A 44 -3.54 1.96 -21.79
N GLY A 45 -4.72 1.47 -21.43
CA GLY A 45 -4.95 0.01 -21.46
C GLY A 45 -4.39 -0.90 -20.36
N LYS A 46 -3.63 -0.36 -19.40
CA LYS A 46 -3.06 -1.10 -18.26
C LYS A 46 -3.84 -0.71 -16.99
N GLN A 47 -3.62 -1.51 -15.95
CA GLN A 47 -4.17 -1.33 -14.59
C GLN A 47 -3.05 -1.48 -13.61
N ASN A 48 -3.31 -1.06 -12.34
CA ASN A 48 -2.33 -1.29 -11.28
C ASN A 48 -2.61 -2.51 -10.50
N LEU A 49 -1.53 -3.08 -9.97
CA LEU A 49 -1.60 -4.29 -9.14
C LEU A 49 -1.45 -3.92 -7.70
N VAL A 50 -2.33 -4.36 -6.81
CA VAL A 50 -2.14 -4.18 -5.36
C VAL A 50 -1.70 -5.50 -4.75
N ILE A 51 -0.65 -5.50 -3.94
CA ILE A 51 -0.12 -6.69 -3.28
C ILE A 51 -0.38 -6.47 -1.81
N MET A 52 -0.99 -7.44 -1.15
CA MET A 52 -1.33 -7.29 0.29
C MET A 52 -1.17 -8.61 0.97
N GLY A 53 -0.88 -8.57 2.26
CA GLY A 53 -0.95 -9.79 3.01
C GLY A 53 -2.37 -10.32 3.27
N LYS A 54 -2.39 -11.54 3.84
CA LYS A 54 -3.70 -12.23 4.08
C LYS A 54 -4.61 -11.51 5.09
N LYS A 55 -3.98 -10.99 6.13
CA LYS A 55 -4.79 -10.29 7.13
C LYS A 55 -5.32 -8.94 6.60
N THR A 56 -4.51 -8.22 5.80
CA THR A 56 -5.01 -7.07 5.20
C THR A 56 -6.23 -7.33 4.28
N TRP A 57 -6.14 -8.36 3.40
CA TRP A 57 -7.29 -8.69 2.64
C TRP A 57 -8.57 -8.90 3.47
N PHE A 58 -8.43 -9.71 4.54
CA PHE A 58 -9.65 -9.93 5.38
C PHE A 58 -10.10 -8.72 6.25
N SER A 59 -9.22 -7.73 6.38
CA SER A 59 -9.62 -6.47 7.03
C SER A 59 -10.46 -5.55 6.19
N ILE A 60 -10.45 -5.77 4.86
CA ILE A 60 -11.34 -4.98 4.01
C ILE A 60 -12.79 -5.52 4.11
N PRO A 61 -13.79 -4.61 4.24
CA PRO A 61 -15.14 -5.21 4.38
C PRO A 61 -15.48 -6.00 3.08
N GLU A 62 -16.16 -7.14 3.18
CA GLU A 62 -16.44 -8.02 2.03
C GLU A 62 -17.06 -7.22 0.86
N LYS A 63 -17.91 -6.21 1.07
CA LYS A 63 -18.54 -5.52 -0.05
C LYS A 63 -17.54 -4.70 -0.85
N ASN A 64 -16.38 -4.46 -0.26
CA ASN A 64 -15.35 -3.64 -0.87
C ASN A 64 -14.13 -4.42 -1.41
N ARG A 65 -14.24 -5.74 -1.38
CA ARG A 65 -13.25 -6.68 -1.90
C ARG A 65 -13.74 -7.35 -3.13
N PRO A 66 -12.87 -7.55 -4.17
CA PRO A 66 -11.54 -7.00 -4.32
C PRO A 66 -11.60 -5.48 -4.39
N LEU A 67 -10.48 -4.84 -4.12
CA LEU A 67 -10.42 -3.40 -4.35
C LEU A 67 -10.61 -3.11 -5.87
N LYS A 68 -11.70 -2.38 -6.09
CA LYS A 68 -12.20 -2.27 -7.49
C LYS A 68 -11.21 -1.55 -8.42
N GLY A 69 -11.12 -2.01 -9.66
CA GLY A 69 -10.28 -1.32 -10.68
C GLY A 69 -8.82 -1.60 -10.55
N ARG A 70 -8.40 -2.48 -9.64
CA ARG A 70 -7.06 -2.93 -9.43
C ARG A 70 -6.99 -4.42 -9.51
N ILE A 71 -5.89 -5.00 -9.91
CA ILE A 71 -5.64 -6.44 -9.82
C ILE A 71 -5.21 -6.73 -8.39
N ASN A 72 -5.95 -7.60 -7.69
CA ASN A 72 -5.66 -7.88 -6.28
C ASN A 72 -4.92 -9.13 -6.06
N LEU A 73 -3.70 -9.12 -5.54
CA LEU A 73 -2.88 -10.24 -5.24
C LEU A 73 -2.65 -10.32 -3.75
N VAL A 74 -2.89 -11.48 -3.15
CA VAL A 74 -2.68 -11.80 -1.75
C VAL A 74 -1.49 -12.70 -1.53
N LEU A 75 -0.67 -12.34 -0.56
CA LEU A 75 0.44 -13.16 -0.16
C LEU A 75 0.01 -14.09 0.98
N SER A 76 0.27 -15.38 0.84
CA SER A 76 -0.03 -16.41 1.85
C SER A 76 0.85 -17.64 1.50
N ARG A 77 1.41 -18.27 2.54
CA ARG A 77 2.02 -19.59 2.30
C ARG A 77 1.06 -20.70 2.72
N GLU A 78 0.09 -20.38 3.59
CA GLU A 78 -0.96 -21.34 4.01
C GLU A 78 -2.04 -21.59 3.00
N LEU A 79 -2.61 -20.57 2.32
CA LEU A 79 -3.70 -20.71 1.41
C LEU A 79 -3.27 -21.56 0.22
N LYS A 80 -4.25 -22.29 -0.29
CA LYS A 80 -3.97 -23.07 -1.48
C LYS A 80 -4.38 -22.39 -2.77
N GLU A 81 -5.36 -21.45 -2.71
CA GLU A 81 -5.91 -20.63 -3.88
C GLU A 81 -6.13 -19.19 -3.40
N PRO A 82 -6.29 -18.21 -4.34
CA PRO A 82 -6.52 -16.83 -3.75
C PRO A 82 -7.75 -16.88 -2.83
N PRO A 83 -7.77 -16.02 -1.77
CA PRO A 83 -9.04 -16.03 -1.01
C PRO A 83 -10.20 -15.64 -1.88
N GLN A 84 -11.42 -15.94 -1.42
CA GLN A 84 -12.56 -15.68 -2.32
C GLN A 84 -12.76 -14.18 -2.81
N GLY A 85 -12.77 -13.87 -4.10
CA GLY A 85 -12.79 -12.54 -4.59
C GLY A 85 -11.42 -12.01 -5.04
N ALA A 86 -10.33 -12.60 -4.56
CA ALA A 86 -9.01 -12.13 -4.94
C ALA A 86 -8.59 -12.76 -6.26
N HIS A 87 -7.63 -12.13 -6.89
CA HIS A 87 -7.23 -12.53 -8.25
C HIS A 87 -6.01 -13.41 -8.30
N PHE A 88 -5.00 -13.19 -7.54
CA PHE A 88 -3.79 -14.00 -7.49
C PHE A 88 -3.33 -14.28 -6.10
N LEU A 89 -2.49 -15.29 -5.97
CA LEU A 89 -1.89 -15.73 -4.74
C LEU A 89 -0.42 -15.96 -4.92
N SER A 90 0.46 -15.45 -4.08
CA SER A 90 1.84 -15.76 -4.15
C SER A 90 2.33 -16.11 -2.78
N ARG A 91 3.35 -16.93 -2.73
CA ARG A 91 3.98 -17.43 -1.50
C ARG A 91 5.11 -16.56 -1.03
N SER A 92 5.54 -15.59 -1.84
CA SER A 92 6.56 -14.63 -1.39
C SER A 92 6.43 -13.34 -2.18
N LEU A 93 7.13 -12.32 -1.72
CA LEU A 93 7.10 -11.09 -2.48
C LEU A 93 7.89 -11.27 -3.81
N ASP A 94 8.96 -12.07 -3.80
CA ASP A 94 9.78 -12.16 -5.02
C ASP A 94 8.93 -12.86 -6.03
N ASP A 95 8.18 -13.86 -5.53
CA ASP A 95 7.29 -14.61 -6.44
C ASP A 95 6.27 -13.69 -7.05
N ALA A 96 5.66 -12.80 -6.19
CA ALA A 96 4.68 -11.92 -6.75
C ALA A 96 5.24 -11.00 -7.83
N LEU A 97 6.41 -10.44 -7.55
CA LEU A 97 7.06 -9.53 -8.45
C LEU A 97 7.48 -10.27 -9.74
N LYS A 98 7.95 -11.54 -9.64
CA LYS A 98 8.21 -12.41 -10.86
C LYS A 98 6.93 -12.61 -11.64
N LEU A 99 5.81 -12.84 -10.91
CA LEU A 99 4.52 -13.04 -11.60
C LEU A 99 4.14 -11.95 -12.55
N THR A 100 4.46 -10.70 -12.18
CA THR A 100 4.22 -9.55 -13.06
C THR A 100 4.99 -9.66 -14.43
N GLU A 101 6.07 -10.48 -14.54
CA GLU A 101 6.85 -10.65 -15.79
C GLU A 101 6.22 -11.72 -16.71
N GLN A 102 5.32 -12.55 -16.16
CA GLN A 102 4.67 -13.62 -16.89
C GLN A 102 3.70 -13.09 -17.95
N PRO A 103 3.41 -13.87 -19.04
CA PRO A 103 2.46 -13.36 -20.06
C PRO A 103 1.07 -12.86 -19.58
N GLU A 104 0.50 -13.48 -18.54
CA GLU A 104 -0.86 -13.06 -18.14
C GLU A 104 -0.84 -11.64 -17.49
N LEU A 105 0.34 -11.15 -17.09
CA LEU A 105 0.39 -9.86 -16.45
C LEU A 105 1.34 -8.87 -17.09
N ALA A 106 2.27 -9.38 -17.93
CA ALA A 106 3.43 -8.57 -18.37
C ALA A 106 2.99 -7.32 -19.10
N ASN A 107 1.86 -7.38 -19.80
CA ASN A 107 1.36 -6.24 -20.60
C ASN A 107 0.18 -5.52 -20.00
N LYS A 108 -0.28 -6.02 -18.81
CA LYS A 108 -1.43 -5.44 -18.12
C LYS A 108 -1.03 -4.54 -16.96
N VAL A 109 0.08 -4.85 -16.30
CA VAL A 109 0.35 -4.16 -15.01
C VAL A 109 1.14 -2.85 -15.33
N ASP A 110 0.68 -1.73 -14.74
CA ASP A 110 1.37 -0.45 -14.81
C ASP A 110 2.09 -0.25 -13.49
N MET A 111 1.41 0.16 -12.41
CA MET A 111 2.13 0.31 -11.17
C MET A 111 1.83 -0.81 -10.21
N VAL A 112 2.82 -1.12 -9.40
CA VAL A 112 2.66 -2.10 -8.36
C VAL A 112 2.64 -1.29 -7.04
N TRP A 113 1.58 -1.57 -6.25
CA TRP A 113 1.33 -0.92 -5.00
C TRP A 113 1.29 -1.92 -3.92
N ILE A 114 2.21 -1.83 -2.97
CA ILE A 114 2.16 -2.62 -1.73
C ILE A 114 1.30 -1.90 -0.70
N VAL A 115 0.18 -2.52 -0.31
CA VAL A 115 -0.84 -1.85 0.54
C VAL A 115 -0.89 -2.43 1.93
N GLY A 116 0.09 -3.31 2.29
CA GLY A 116 0.33 -3.76 3.71
C GLY A 116 0.15 -5.26 3.84
N GLY A 117 0.46 -5.87 4.98
CA GLY A 117 0.75 -5.21 6.24
C GLY A 117 2.23 -5.19 6.47
N SER A 118 2.65 -5.34 7.73
CA SER A 118 4.00 -4.97 8.14
C SER A 118 5.09 -5.76 7.47
N SER A 119 4.93 -7.11 7.39
CA SER A 119 6.04 -7.88 6.84
C SER A 119 6.26 -7.61 5.36
N VAL A 120 5.13 -7.36 4.64
CA VAL A 120 5.16 -7.05 3.22
C VAL A 120 5.91 -5.69 3.07
N TYR A 121 5.51 -4.70 3.86
CA TYR A 121 6.25 -3.41 3.77
C TYR A 121 7.74 -3.52 4.09
N LYS A 122 8.10 -4.36 5.07
CA LYS A 122 9.49 -4.38 5.50
C LYS A 122 10.33 -4.95 4.38
N GLU A 123 9.84 -6.04 3.79
CA GLU A 123 10.59 -6.61 2.72
C GLU A 123 10.70 -5.68 1.47
N ALA A 124 9.56 -5.17 1.03
CA ALA A 124 9.54 -4.27 -0.13
C ALA A 124 10.49 -3.07 0.10
N MET A 125 10.49 -2.57 1.34
CA MET A 125 11.30 -1.35 1.67
C MET A 125 12.77 -1.56 1.62
N ASN A 126 13.18 -2.83 1.78
CA ASN A 126 14.56 -3.18 1.66
C ASN A 126 14.82 -3.82 0.24
N HIS A 127 13.88 -3.76 -0.70
CA HIS A 127 14.05 -4.37 -2.04
C HIS A 127 14.93 -3.43 -2.85
N PRO A 128 15.95 -3.90 -3.57
CA PRO A 128 16.80 -2.97 -4.36
C PRO A 128 16.03 -2.18 -5.33
N GLY A 129 16.54 -1.01 -5.66
CA GLY A 129 15.93 -0.34 -6.78
C GLY A 129 15.17 0.90 -6.37
N HIS A 130 14.58 1.50 -7.39
CA HIS A 130 13.77 2.73 -7.24
C HIS A 130 12.49 2.29 -6.59
N LEU A 131 12.12 3.02 -5.51
CA LEU A 131 10.92 2.69 -4.73
C LEU A 131 10.41 3.97 -4.12
N LYS A 132 9.11 4.15 -4.13
CA LYS A 132 8.49 5.30 -3.46
C LYS A 132 7.60 4.78 -2.35
N LEU A 133 7.59 5.60 -1.28
CA LEU A 133 6.64 5.37 -0.17
C LEU A 133 5.73 6.53 -0.07
N PHE A 134 4.42 6.29 -0.14
CA PHE A 134 3.37 7.27 0.02
C PHE A 134 2.84 7.06 1.44
N VAL A 135 3.25 7.99 2.33
CA VAL A 135 2.94 7.84 3.77
C VAL A 135 2.00 8.92 4.21
N THR A 136 0.85 8.53 4.76
CA THR A 136 -0.06 9.54 5.44
C THR A 136 0.34 9.55 6.88
N ARG A 137 0.79 10.72 7.34
CA ARG A 137 1.15 10.84 8.78
C ARG A 137 -0.11 11.28 9.54
N ILE A 138 -0.67 10.38 10.37
CA ILE A 138 -1.80 10.68 11.26
C ILE A 138 -1.08 11.26 12.49
N MET A 139 -1.44 12.51 12.75
CA MET A 139 -0.57 13.29 13.64
C MET A 139 -1.01 13.21 15.10
N GLN A 140 -1.33 11.99 15.55
CA GLN A 140 -1.62 11.65 16.99
C GLN A 140 -1.15 10.25 17.27
N ASP A 141 -0.96 9.90 18.52
CA ASP A 141 -0.68 8.53 18.94
C ASP A 141 -2.03 7.79 18.95
N PHE A 142 -2.02 6.53 18.43
CA PHE A 142 -3.16 5.63 18.59
C PHE A 142 -2.63 4.24 19.00
N GLU A 143 -3.34 3.64 20.01
CA GLU A 143 -3.01 2.28 20.43
C GLU A 143 -3.12 1.33 19.26
N SER A 144 -2.07 0.58 19.08
CA SER A 144 -1.95 -0.27 17.87
C SER A 144 -1.33 -1.60 18.21
N ASP A 145 -1.60 -2.62 17.42
CA ASP A 145 -0.89 -3.91 17.49
C ASP A 145 -0.12 -4.32 16.27
N THR A 146 -0.12 -3.46 15.22
CA THR A 146 0.60 -3.69 14.00
C THR A 146 1.25 -2.34 13.67
N PHE A 147 2.52 -2.39 13.24
CA PHE A 147 3.33 -1.16 13.11
C PHE A 147 4.02 -1.13 11.78
N PHE A 148 4.28 0.11 11.29
CA PHE A 148 4.99 0.29 10.09
C PHE A 148 6.52 0.13 10.31
N PRO A 149 7.22 -0.55 9.46
CA PRO A 149 8.66 -0.69 9.67
C PRO A 149 9.39 0.64 9.57
N GLU A 150 10.61 0.64 10.13
CA GLU A 150 11.38 1.87 10.13
C GLU A 150 11.67 2.32 8.70
N ILE A 151 11.59 3.63 8.50
CA ILE A 151 12.02 4.26 7.24
C ILE A 151 13.49 4.72 7.41
N ASP A 152 14.38 4.14 6.65
CA ASP A 152 15.83 4.48 6.73
C ASP A 152 16.04 5.76 5.91
N LEU A 153 16.14 6.91 6.60
CA LEU A 153 16.30 8.21 5.94
C LEU A 153 17.70 8.44 5.25
N GLU A 154 18.62 7.49 5.47
CA GLU A 154 19.85 7.54 4.72
C GLU A 154 19.58 7.22 3.24
N LYS A 155 18.54 6.44 2.96
CA LYS A 155 18.21 6.05 1.60
C LYS A 155 16.94 6.71 1.11
N TYR A 156 15.93 6.80 1.99
CA TYR A 156 14.63 7.42 1.60
C TYR A 156 14.66 8.91 1.81
N LYS A 157 14.44 9.67 0.76
CA LYS A 157 14.37 11.12 0.90
C LYS A 157 12.91 11.54 0.86
N LEU A 158 12.49 12.38 1.80
CA LEU A 158 11.21 13.02 1.78
C LEU A 158 11.16 14.04 0.66
N LEU A 159 10.21 13.90 -0.26
CA LEU A 159 10.07 14.84 -1.45
C LEU A 159 9.39 16.10 -1.01
N PRO A 160 9.85 17.24 -1.60
CA PRO A 160 9.03 18.51 -1.28
C PRO A 160 7.67 18.65 -1.91
N GLU A 161 7.43 17.91 -2.94
CA GLU A 161 6.17 17.93 -3.67
C GLU A 161 5.96 16.71 -4.49
N TYR A 162 4.72 16.40 -4.95
CA TYR A 162 4.45 15.34 -5.85
C TYR A 162 3.10 15.60 -6.50
N PRO A 163 3.02 15.45 -7.86
CA PRO A 163 1.70 15.66 -8.48
C PRO A 163 0.63 14.76 -7.92
N GLY A 164 -0.52 15.41 -7.74
CA GLY A 164 -1.69 14.77 -7.28
C GLY A 164 -1.71 14.60 -5.77
N VAL A 165 -0.67 15.07 -5.06
CA VAL A 165 -0.59 14.88 -3.57
C VAL A 165 -0.73 16.17 -2.89
N LEU A 166 -1.83 16.35 -2.22
CA LEU A 166 -1.98 17.58 -1.42
C LEU A 166 -0.96 17.59 -0.30
N SER A 167 -0.32 18.76 -0.18
CA SER A 167 0.81 19.13 0.61
C SER A 167 0.52 19.63 1.99
N ASP A 168 -0.62 20.27 2.08
CA ASP A 168 -0.97 20.91 3.33
C ASP A 168 -1.61 19.97 4.38
N VAL A 169 -1.50 20.32 5.68
CA VAL A 169 -2.22 19.58 6.76
C VAL A 169 -3.72 19.55 6.52
N GLN A 170 -4.27 18.35 6.73
CA GLN A 170 -5.66 18.03 6.49
C GLN A 170 -6.25 17.72 7.88
N GLU A 171 -7.58 17.75 8.01
CA GLU A 171 -8.26 17.45 9.27
C GLU A 171 -9.65 16.86 8.95
N GLU A 172 -9.88 15.70 9.54
CA GLU A 172 -11.20 15.04 9.55
C GLU A 172 -11.40 14.47 10.91
N LYS A 173 -12.65 14.61 11.42
CA LYS A 173 -13.06 14.01 12.71
C LYS A 173 -12.13 14.42 13.88
N GLY A 174 -11.68 15.68 13.80
CA GLY A 174 -10.72 16.19 14.79
C GLY A 174 -9.31 15.62 14.75
N ILE A 175 -8.97 14.93 13.66
CA ILE A 175 -7.65 14.32 13.55
C ILE A 175 -6.91 14.94 12.34
N LYS A 176 -5.78 15.59 12.67
CA LYS A 176 -4.90 16.22 11.65
C LYS A 176 -3.99 15.15 11.03
N TYR A 177 -3.80 15.30 9.73
CA TYR A 177 -2.94 14.35 9.04
C TYR A 177 -2.36 15.05 7.80
N LYS A 178 -1.27 14.47 7.27
CA LYS A 178 -0.53 15.10 6.16
C LYS A 178 -0.07 13.97 5.20
N PHE A 179 -0.16 14.17 3.87
CA PHE A 179 0.33 13.22 2.81
C PHE A 179 1.80 13.54 2.54
N GLU A 180 2.66 12.51 2.60
CA GLU A 180 4.12 12.60 2.30
C GLU A 180 4.43 11.57 1.22
N VAL A 181 5.52 11.87 0.46
CA VAL A 181 6.11 10.88 -0.48
C VAL A 181 7.60 10.85 -0.22
N TYR A 182 8.15 9.62 -0.12
CA TYR A 182 9.55 9.33 0.01
C TYR A 182 10.03 8.56 -1.18
N GLU A 183 11.31 8.76 -1.54
CA GLU A 183 11.83 8.04 -2.68
C GLU A 183 13.23 7.54 -2.38
N LYS A 184 13.51 6.31 -2.75
CA LYS A 184 14.92 5.80 -2.73
C LYS A 184 15.26 5.34 -4.15
N ASN A 185 16.58 5.39 -4.47
CA ASN A 185 17.08 4.60 -5.65
C ASN A 185 18.38 3.94 -5.33
N ASP A 186 18.41 2.63 -5.12
CA ASP A 186 19.65 1.92 -4.65
C ASP A 186 19.80 0.53 -5.27
#